data_8CM2
#
_entry.id   8CM2
#
_cell.length_a   79.530
_cell.length_b   79.530
_cell.length_c   203.310
_cell.angle_alpha   90.00
_cell.angle_beta   90.00
_cell.angle_gamma   90.00
#
_symmetry.space_group_name_H-M   'P 43 21 2'
#
loop_
_entity.id
_entity.type
_entity.pdbx_description
1 polymer 'Cytokinin dehydrogenase 4'
2 non-polymer 2-[[3,5-bis(chloranyl)-2-(2-hydroxyethyl)phenyl]carbamoylamino]-4-(trifluoromethyloxy)benzamide
3 non-polymer 'FLAVIN-ADENINE DINUCLEOTIDE'
4 water water
#
_entity_poly.entity_id   1
_entity_poly.type   'polypeptide(L)'
_entity_poly.pdbx_seq_one_letter_code
;MTRCLMFTLLFLVSSLISTVGLPVEPPAELLQLGGGDVGGGRLSVDASDIAEASRDFGGVARAEPMAVFHPRAAGDVAGL
VGAAFRSARGFRVSARGHGHSISGQAQAAGGVVVDMSRGRGPGAAVARALPVHSAALGGHYVDVWGGELWVDVLNWTLSH
GGLAPRSWTDYLYLSVGGTLSNAGISGQAFHHGPQISNVYELDVVTGKGEVVTCSETENPDLFFGVLGGLGQFGIITRAR
IALERAPKRVRWIRALYSNFSEFTADQERLISLGSGGGRRFDYVEGFVVAAEGLINNWRSSFFSPQNPVKLTSLKHHSSV
LYCLEVTKNYDDETAGSVDQDVDTLLGELNFLPGTVFTTDLPYVDFLDRVHKAELKLRAKGMWEVPHPWLNLFVPASRIA
DFDRGVFRGVLGGRTAGAGGPVLIYPMNKHKWDPRSSAVTPDEEVFYLVAFLRSALPGAPESLEALARQNQRILDFCAGT
GIGAKQYLPGHKARHEWAEHFGAARWDRFARLKAEFDPRAILAAGQGIFRPPGSPALAADS
;
_entity_poly.pdbx_strand_id   A
#
loop_
_chem_comp.id
_chem_comp.type
_chem_comp.name
_chem_comp.formula
FAD non-polymer 'FLAVIN-ADENINE DINUCLEOTIDE' 'C27 H33 N9 O15 P2'
V1X non-polymer 2-[[3,5-bis(chloranyl)-2-(2-hydroxyethyl)phenyl]carbamoylamino]-4-(trifluoromethyloxy)benzamide 'C17 H14 Cl2 F3 N3 O4'
#
# COMPACT_ATOMS: atom_id res chain seq x y z
N GLY A 40 10.53 -3.53 -29.81
CA GLY A 40 10.99 -4.38 -28.72
C GLY A 40 9.87 -5.13 -28.01
N GLY A 41 8.71 -4.45 -27.85
CA GLY A 41 7.54 -4.98 -27.17
C GLY A 41 6.54 -5.73 -28.05
N ARG A 42 5.56 -6.38 -27.41
CA ARG A 42 4.56 -7.20 -28.10
C ARG A 42 3.10 -6.88 -27.69
N LEU A 43 2.28 -6.46 -28.69
CA LEU A 43 0.85 -6.26 -28.50
C LEU A 43 0.21 -7.63 -28.55
N SER A 44 -0.76 -7.88 -27.64
CA SER A 44 -1.43 -9.16 -27.52
C SER A 44 -2.93 -8.96 -27.47
N VAL A 45 -3.67 -9.82 -28.18
CA VAL A 45 -5.13 -9.82 -28.21
C VAL A 45 -5.63 -11.20 -27.73
N ASP A 46 -4.77 -11.94 -26.99
CA ASP A 46 -5.06 -13.24 -26.39
C ASP A 46 -6.20 -13.03 -25.38
N ALA A 47 -7.25 -13.88 -25.46
CA ALA A 47 -8.41 -13.82 -24.58
C ALA A 47 -8.07 -13.89 -23.09
N SER A 48 -7.10 -14.75 -22.69
CA SER A 48 -6.68 -14.86 -21.29
C SER A 48 -5.92 -13.60 -20.82
N ASP A 49 -5.26 -12.91 -21.78
CA ASP A 49 -4.54 -11.66 -21.54
C ASP A 49 -5.55 -10.52 -21.39
N ILE A 50 -6.57 -10.47 -22.28
CA ILE A 50 -7.63 -9.47 -22.25
C ILE A 50 -8.44 -9.64 -20.96
N ALA A 51 -8.86 -10.88 -20.62
CA ALA A 51 -9.63 -11.21 -19.43
C ALA A 51 -8.95 -10.76 -18.14
N GLU A 52 -7.64 -11.03 -18.01
CA GLU A 52 -6.86 -10.66 -16.83
C GLU A 52 -6.67 -9.15 -16.70
N ALA A 53 -6.40 -8.45 -17.81
CA ALA A 53 -6.24 -7.00 -17.84
C ALA A 53 -7.58 -6.25 -17.62
N SER A 54 -8.71 -6.99 -17.67
CA SER A 54 -10.08 -6.49 -17.56
C SER A 54 -10.66 -6.73 -16.19
N ARG A 55 -9.87 -7.25 -15.27
CA ARG A 55 -10.33 -7.51 -13.92
C ARG A 55 -9.22 -7.12 -12.95
N ASP A 56 -9.53 -7.13 -11.65
CA ASP A 56 -8.56 -6.85 -10.61
C ASP A 56 -8.98 -7.59 -9.38
N PHE A 57 -8.23 -7.46 -8.30
CA PHE A 57 -8.54 -8.18 -7.06
C PHE A 57 -9.92 -7.79 -6.44
N GLY A 58 -10.42 -6.59 -6.75
CA GLY A 58 -11.72 -6.13 -6.25
C GLY A 58 -12.85 -7.02 -6.73
N GLY A 59 -12.78 -7.43 -7.99
CA GLY A 59 -13.74 -8.31 -8.63
C GLY A 59 -15.04 -7.64 -9.04
N VAL A 60 -15.02 -6.30 -9.18
CA VAL A 60 -16.24 -5.54 -9.53
C VAL A 60 -16.05 -4.84 -10.87
N ALA A 61 -15.11 -3.87 -10.93
CA ALA A 61 -14.79 -3.09 -12.12
C ALA A 61 -14.25 -4.03 -13.20
N ARG A 62 -14.77 -3.91 -14.44
CA ARG A 62 -14.41 -4.83 -15.51
C ARG A 62 -14.22 -4.18 -16.90
N ALA A 63 -13.69 -2.96 -16.98
CA ALA A 63 -13.46 -2.30 -18.27
C ALA A 63 -12.32 -2.95 -19.10
N GLU A 64 -12.71 -3.51 -20.28
CA GLU A 64 -11.81 -4.20 -21.22
C GLU A 64 -10.94 -3.28 -22.09
N PRO A 65 -9.64 -3.63 -22.27
CA PRO A 65 -8.82 -2.86 -23.22
C PRO A 65 -8.92 -3.48 -24.64
N MET A 66 -8.35 -2.81 -25.64
CA MET A 66 -8.28 -3.34 -27.00
C MET A 66 -7.17 -4.41 -27.08
N ALA A 67 -6.03 -4.15 -26.39
CA ALA A 67 -4.87 -5.03 -26.38
C ALA A 67 -4.03 -4.87 -25.09
N VAL A 68 -3.16 -5.84 -24.84
CA VAL A 68 -2.23 -5.83 -23.71
C VAL A 68 -0.82 -5.68 -24.30
N PHE A 69 -0.05 -4.71 -23.82
CA PHE A 69 1.32 -4.51 -24.30
C PHE A 69 2.30 -5.17 -23.33
N HIS A 70 3.20 -6.02 -23.86
CA HIS A 70 4.22 -6.71 -23.07
C HIS A 70 5.58 -6.07 -23.43
N PRO A 71 6.09 -5.12 -22.60
CA PRO A 71 7.36 -4.48 -22.95
C PRO A 71 8.57 -5.30 -22.53
N ARG A 72 9.72 -5.04 -23.15
CA ARG A 72 10.94 -5.75 -22.76
C ARG A 72 11.81 -4.80 -21.93
N ALA A 73 11.67 -3.48 -22.20
CA ALA A 73 12.41 -2.41 -21.54
C ALA A 73 11.59 -1.12 -21.51
N ALA A 74 12.16 -0.06 -20.90
CA ALA A 74 11.54 1.26 -20.75
C ALA A 74 11.21 1.96 -22.05
N GLY A 75 12.08 1.85 -23.07
CA GLY A 75 11.89 2.47 -24.38
C GLY A 75 10.65 1.98 -25.08
N ASP A 76 10.26 0.71 -24.84
CA ASP A 76 9.04 0.10 -25.38
C ASP A 76 7.79 0.77 -24.80
N VAL A 77 7.81 1.05 -23.47
CA VAL A 77 6.71 1.71 -22.75
C VAL A 77 6.61 3.16 -23.29
N ALA A 78 7.77 3.83 -23.46
CA ALA A 78 7.85 5.18 -24.02
C ALA A 78 7.26 5.21 -25.43
N GLY A 79 7.52 4.15 -26.20
CA GLY A 79 7.01 3.99 -27.56
C GLY A 79 5.51 3.93 -27.62
N LEU A 80 4.90 3.06 -26.80
CA LEU A 80 3.45 2.89 -26.72
C LEU A 80 2.76 4.16 -26.15
N VAL A 81 3.35 4.81 -25.13
CA VAL A 81 2.78 6.04 -24.55
C VAL A 81 2.96 7.20 -25.55
N GLY A 82 4.07 7.19 -26.28
CA GLY A 82 4.35 8.17 -27.32
C GLY A 82 3.30 8.09 -28.42
N ALA A 83 2.99 6.86 -28.88
CA ALA A 83 1.98 6.55 -29.90
C ALA A 83 0.59 7.02 -29.47
N ALA A 84 0.19 6.76 -28.17
CA ALA A 84 -1.08 7.20 -27.58
C ALA A 84 -1.16 8.73 -27.52
N PHE A 85 -0.06 9.38 -27.11
CA PHE A 85 -0.01 10.85 -27.05
C PHE A 85 -0.15 11.49 -28.42
N ARG A 86 0.45 10.87 -29.45
CA ARG A 86 0.41 11.36 -30.83
C ARG A 86 -0.86 10.96 -31.59
N SER A 87 -1.53 9.84 -31.20
CA SER A 87 -2.76 9.34 -31.84
C SER A 87 -3.87 10.37 -31.81
N ALA A 88 -4.67 10.45 -32.90
CA ALA A 88 -5.75 11.42 -33.04
C ALA A 88 -6.79 11.31 -31.94
N ARG A 89 -7.19 10.06 -31.60
CA ARG A 89 -8.17 9.78 -30.55
C ARG A 89 -7.61 9.94 -29.12
N GLY A 90 -6.33 9.58 -28.93
CA GLY A 90 -5.65 9.63 -27.64
C GLY A 90 -6.09 8.50 -26.74
N PHE A 91 -5.95 7.24 -27.23
CA PHE A 91 -6.37 6.06 -26.48
C PHE A 91 -5.72 5.93 -25.09
N ARG A 92 -6.47 5.34 -24.14
CA ARG A 92 -6.07 5.14 -22.76
C ARG A 92 -4.94 4.10 -22.63
N VAL A 93 -3.94 4.43 -21.81
CA VAL A 93 -2.83 3.54 -21.49
C VAL A 93 -2.70 3.46 -19.98
N SER A 94 -2.77 2.25 -19.41
CA SER A 94 -2.58 2.03 -17.99
C SER A 94 -1.63 0.89 -17.73
N ALA A 95 -0.65 1.10 -16.83
CA ALA A 95 0.25 0.04 -16.41
C ALA A 95 -0.52 -0.84 -15.44
N ARG A 96 -0.28 -2.15 -15.49
CA ARG A 96 -0.84 -3.10 -14.55
C ARG A 96 0.35 -3.72 -13.80
N GLY A 97 0.31 -3.63 -12.48
CA GLY A 97 1.35 -4.19 -11.63
C GLY A 97 1.11 -5.67 -11.52
N HIS A 98 0.39 -6.07 -10.49
CA HIS A 98 -0.01 -7.44 -10.24
C HIS A 98 -1.55 -7.57 -10.22
N GLY A 99 -2.27 -6.54 -10.63
CA GLY A 99 -3.73 -6.48 -10.64
C GLY A 99 -4.40 -6.45 -9.27
N HIS A 100 -3.74 -5.86 -8.27
CA HIS A 100 -4.31 -5.87 -6.95
C HIS A 100 -5.28 -4.69 -6.60
N SER A 101 -5.61 -3.85 -7.60
CA SER A 101 -6.57 -2.75 -7.43
C SER A 101 -7.95 -3.26 -7.00
N ILE A 102 -8.66 -2.46 -6.22
CA ILE A 102 -9.98 -2.81 -5.70
C ILE A 102 -11.07 -2.31 -6.64
N SER A 103 -10.81 -1.25 -7.41
CA SER A 103 -11.91 -0.66 -8.18
C SER A 103 -11.52 -0.12 -9.56
N GLY A 104 -10.79 -0.94 -10.32
CA GLY A 104 -10.44 -0.70 -11.72
C GLY A 104 -9.43 0.37 -12.00
N GLN A 105 -8.64 0.73 -10.98
CA GLN A 105 -7.58 1.76 -11.11
C GLN A 105 -6.55 1.44 -12.19
N ALA A 106 -6.30 0.13 -12.48
CA ALA A 106 -5.34 -0.29 -13.52
C ALA A 106 -5.98 -0.67 -14.89
N GLN A 107 -7.27 -0.34 -15.09
CA GLN A 107 -8.00 -0.66 -16.33
C GLN A 107 -7.97 0.48 -17.32
N ALA A 108 -7.79 0.15 -18.62
CA ALA A 108 -7.73 1.17 -19.66
C ALA A 108 -8.82 0.81 -20.71
N ALA A 109 -10.08 1.26 -20.45
CA ALA A 109 -11.28 1.02 -21.26
C ALA A 109 -11.03 1.33 -22.73
N GLY A 110 -11.09 0.27 -23.56
CA GLY A 110 -10.83 0.31 -25.00
C GLY A 110 -9.48 0.88 -25.39
N GLY A 111 -8.49 0.72 -24.52
CA GLY A 111 -7.16 1.24 -24.75
C GLY A 111 -6.13 0.13 -24.63
N VAL A 112 -4.98 0.42 -24.01
CA VAL A 112 -3.96 -0.60 -23.86
C VAL A 112 -3.49 -0.73 -22.39
N VAL A 113 -3.52 -1.96 -21.85
CA VAL A 113 -2.97 -2.25 -20.53
C VAL A 113 -1.52 -2.73 -20.75
N VAL A 114 -0.54 -2.07 -20.10
CA VAL A 114 0.89 -2.43 -20.15
C VAL A 114 1.07 -3.46 -19.05
N ASP A 115 1.31 -4.73 -19.44
CA ASP A 115 1.58 -5.78 -18.45
C ASP A 115 3.04 -5.60 -18.03
N MET A 116 3.24 -4.89 -16.91
CA MET A 116 4.54 -4.58 -16.36
C MET A 116 5.28 -5.79 -15.81
N SER A 117 4.61 -6.93 -15.62
CA SER A 117 5.30 -8.13 -15.10
C SER A 117 6.39 -8.62 -16.08
N ARG A 118 7.49 -9.12 -15.51
CA ARG A 118 8.60 -9.60 -16.31
C ARG A 118 8.87 -11.10 -16.08
N GLY A 119 8.79 -11.53 -14.82
CA GLY A 119 9.00 -12.91 -14.41
C GLY A 119 10.15 -13.06 -13.44
N VAL A 126 15.73 -11.31 -18.53
CA VAL A 126 16.22 -9.96 -18.26
C VAL A 126 17.23 -9.93 -17.10
N ALA A 127 18.27 -9.07 -17.25
CA ALA A 127 19.36 -8.88 -16.28
C ALA A 127 18.95 -7.88 -15.20
N ARG A 128 19.19 -8.25 -13.93
CA ARG A 128 18.83 -7.44 -12.78
C ARG A 128 20.04 -6.75 -12.17
N ALA A 129 19.86 -5.44 -11.85
CA ALA A 129 20.91 -4.63 -11.22
C ALA A 129 21.18 -5.12 -9.81
N LEU A 130 22.46 -5.11 -9.43
CA LEU A 130 22.90 -5.57 -8.13
C LEU A 130 22.82 -4.45 -7.12
N PRO A 131 22.58 -4.73 -5.82
CA PRO A 131 22.63 -3.65 -4.80
C PRO A 131 23.95 -2.88 -4.85
N VAL A 132 23.93 -1.61 -4.48
CA VAL A 132 25.08 -0.73 -4.55
C VAL A 132 25.23 -0.02 -3.23
N HIS A 133 26.48 0.17 -2.79
CA HIS A 133 26.75 0.96 -1.61
C HIS A 133 27.18 2.35 -2.08
N SER A 134 26.70 3.39 -1.41
CA SER A 134 27.06 4.77 -1.69
C SER A 134 27.55 5.40 -0.41
N ALA A 135 28.80 5.91 -0.42
CA ALA A 135 29.37 6.56 0.76
C ALA A 135 28.73 7.93 0.96
N ALA A 136 28.07 8.48 -0.09
CA ALA A 136 27.40 9.78 -0.03
C ALA A 136 26.03 9.69 0.67
N LEU A 137 25.24 8.65 0.36
CA LEU A 137 23.91 8.44 0.94
C LEU A 137 24.02 7.78 2.33
N GLY A 138 25.17 7.16 2.58
CA GLY A 138 25.48 6.51 3.84
C GLY A 138 25.06 5.05 3.93
N GLY A 139 24.35 4.58 2.92
CA GLY A 139 23.88 3.20 2.87
C GLY A 139 23.71 2.64 1.47
N HIS A 140 22.97 1.52 1.37
CA HIS A 140 22.71 0.82 0.12
C HIS A 140 21.39 1.19 -0.60
N TYR A 141 21.31 0.83 -1.89
CA TYR A 141 20.16 1.00 -2.73
C TYR A 141 20.20 -0.09 -3.77
N VAL A 142 19.09 -0.29 -4.51
CA VAL A 142 19.00 -1.24 -5.61
C VAL A 142 18.02 -0.67 -6.65
N ASP A 143 18.41 -0.72 -7.92
CA ASP A 143 17.57 -0.27 -9.03
C ASP A 143 16.74 -1.45 -9.45
N VAL A 144 15.42 -1.27 -9.46
CA VAL A 144 14.50 -2.32 -9.82
C VAL A 144 13.58 -1.83 -10.92
N TRP A 145 13.09 -2.74 -11.75
CA TRP A 145 12.12 -2.49 -12.80
C TRP A 145 10.77 -2.19 -12.08
N GLY A 146 9.99 -1.23 -12.60
CA GLY A 146 8.69 -0.86 -12.01
C GLY A 146 7.71 -2.00 -11.82
N GLY A 147 7.78 -3.00 -12.71
CA GLY A 147 6.89 -4.16 -12.67
C GLY A 147 7.28 -5.25 -11.70
N GLU A 148 8.48 -5.13 -11.11
CA GLU A 148 9.05 -6.12 -10.20
C GLU A 148 8.15 -6.27 -8.97
N LEU A 149 7.97 -7.52 -8.48
CA LEU A 149 7.19 -7.80 -7.27
C LEU A 149 8.10 -7.65 -6.08
N TRP A 150 7.60 -7.06 -4.96
CA TRP A 150 8.40 -6.86 -3.76
C TRP A 150 9.01 -8.17 -3.24
N VAL A 151 8.28 -9.31 -3.38
CA VAL A 151 8.73 -10.65 -2.99
C VAL A 151 10.03 -11.04 -3.76
N ASP A 152 10.10 -10.66 -5.06
CA ASP A 152 11.26 -10.93 -5.91
C ASP A 152 12.39 -9.99 -5.60
N VAL A 153 12.09 -8.73 -5.21
CA VAL A 153 13.09 -7.73 -4.80
C VAL A 153 13.79 -8.26 -3.53
N LEU A 154 12.99 -8.68 -2.52
CA LEU A 154 13.48 -9.21 -1.23
C LEU A 154 14.51 -10.34 -1.45
N ASN A 155 14.11 -11.39 -2.20
CA ASN A 155 14.91 -12.55 -2.57
C ASN A 155 16.22 -12.18 -3.29
N TRP A 156 16.16 -11.18 -4.19
CA TRP A 156 17.33 -10.66 -4.90
C TRP A 156 18.30 -9.94 -3.96
N THR A 157 17.82 -9.01 -3.13
CA THR A 157 18.68 -8.23 -2.24
C THR A 157 19.25 -9.08 -1.11
N LEU A 158 18.49 -10.10 -0.66
CA LEU A 158 18.99 -11.00 0.39
C LEU A 158 20.15 -11.87 -0.17
N SER A 159 19.97 -12.43 -1.38
CA SER A 159 20.98 -13.26 -2.04
C SER A 159 22.20 -12.46 -2.56
N HIS A 160 22.16 -11.11 -2.45
CA HIS A 160 23.26 -10.24 -2.86
C HIS A 160 23.67 -9.25 -1.77
N GLY A 161 24.21 -9.79 -0.69
CA GLY A 161 24.70 -8.99 0.41
C GLY A 161 23.86 -9.04 1.67
N GLY A 162 22.83 -9.90 1.68
CA GLY A 162 21.91 -10.02 2.81
C GLY A 162 21.27 -8.69 3.15
N LEU A 163 20.85 -7.93 2.11
CA LEU A 163 20.23 -6.62 2.26
C LEU A 163 18.74 -6.71 2.01
N ALA A 164 17.98 -5.72 2.51
CA ALA A 164 16.53 -5.70 2.29
C ALA A 164 15.96 -4.32 2.42
N PRO A 165 14.85 -4.01 1.68
CA PRO A 165 14.14 -2.73 1.92
C PRO A 165 13.72 -2.65 3.41
N ARG A 166 13.62 -1.45 3.96
CA ARG A 166 13.27 -1.28 5.38
C ARG A 166 11.77 -1.00 5.65
N SER A 167 11.00 -0.69 4.62
CA SER A 167 9.58 -0.38 4.76
C SER A 167 8.81 -1.28 3.81
N TRP A 168 7.83 -2.02 4.35
CA TRP A 168 7.07 -2.99 3.60
C TRP A 168 5.58 -2.67 3.46
N THR A 169 4.91 -3.56 2.73
CA THR A 169 3.49 -3.78 2.65
C THR A 169 3.31 -5.15 3.41
N ASP A 170 2.10 -5.50 3.84
CA ASP A 170 1.78 -6.75 4.55
C ASP A 170 1.85 -7.89 3.53
N TYR A 171 1.55 -7.60 2.26
CA TYR A 171 1.54 -8.57 1.20
C TYR A 171 2.59 -8.18 0.13
N LEU A 172 3.49 -9.11 -0.21
CA LEU A 172 4.63 -8.84 -1.10
C LEU A 172 4.43 -9.17 -2.57
N TYR A 173 3.28 -9.73 -2.93
CA TYR A 173 3.01 -9.99 -4.35
C TYR A 173 2.28 -8.78 -4.95
N LEU A 174 2.97 -7.62 -4.86
CA LEU A 174 2.55 -6.31 -5.35
C LEU A 174 3.72 -5.73 -6.11
N SER A 175 3.47 -4.96 -7.18
CA SER A 175 4.55 -4.35 -7.93
C SER A 175 5.15 -3.14 -7.19
N VAL A 176 6.40 -2.84 -7.51
CA VAL A 176 7.10 -1.69 -6.94
C VAL A 176 6.40 -0.39 -7.41
N GLY A 177 6.14 -0.28 -8.71
CA GLY A 177 5.48 0.90 -9.29
C GLY A 177 4.07 1.14 -8.80
N GLY A 178 3.34 0.06 -8.52
CA GLY A 178 1.98 0.04 -8.00
C GLY A 178 1.89 0.55 -6.57
N THR A 179 2.78 0.08 -5.66
CA THR A 179 2.77 0.57 -4.28
C THR A 179 3.33 1.98 -4.20
N LEU A 180 4.38 2.30 -4.98
CA LEU A 180 4.94 3.65 -4.99
C LEU A 180 3.98 4.71 -5.54
N SER A 181 2.97 4.31 -6.35
CA SER A 181 1.90 5.19 -6.86
C SER A 181 0.81 5.41 -5.79
N ASN A 182 0.91 4.73 -4.63
CA ASN A 182 -0.06 4.85 -3.53
C ASN A 182 0.62 5.35 -2.26
N ALA A 183 1.35 4.48 -1.59
CA ALA A 183 2.24 4.76 -0.48
C ALA A 183 3.08 3.54 -0.12
N GLY A 184 2.46 2.40 0.13
CA GLY A 184 3.17 1.20 0.56
C GLY A 184 3.31 1.24 2.07
N ILE A 185 2.34 0.65 2.77
CA ILE A 185 2.21 0.67 4.23
C ILE A 185 2.15 -0.73 4.85
N SER A 186 2.71 -0.84 6.04
CA SER A 186 2.72 -2.00 6.94
C SER A 186 3.19 -1.46 8.31
N GLY A 187 3.52 -2.37 9.23
CA GLY A 187 3.92 -2.04 10.60
C GLY A 187 5.20 -1.25 10.80
N GLN A 188 6.03 -1.05 9.73
CA GLN A 188 7.31 -0.30 9.78
C GLN A 188 7.14 1.17 9.47
N ALA A 189 6.02 1.56 8.83
CA ALA A 189 5.79 2.96 8.42
C ALA A 189 5.87 3.98 9.57
N PHE A 190 5.48 3.62 10.82
CA PHE A 190 5.57 4.56 11.97
C PHE A 190 7.02 5.08 12.15
N HIS A 191 8.03 4.23 11.85
CA HIS A 191 9.44 4.56 12.04
C HIS A 191 10.17 4.95 10.74
N HIS A 192 10.04 4.18 9.65
CA HIS A 192 10.75 4.45 8.39
C HIS A 192 9.97 5.28 7.38
N GLY A 193 8.68 5.44 7.66
CA GLY A 193 7.75 6.09 6.76
C GLY A 193 7.26 5.03 5.81
N PRO A 194 6.29 5.38 4.95
CA PRO A 194 5.83 4.42 3.93
C PRO A 194 6.91 4.15 2.85
N GLN A 195 6.66 3.21 1.92
CA GLN A 195 7.66 2.90 0.87
C GLN A 195 8.00 4.14 -0.01
N ILE A 196 7.02 5.08 -0.19
CA ILE A 196 7.28 6.33 -0.93
C ILE A 196 8.31 7.22 -0.22
N SER A 197 8.59 6.96 1.08
CA SER A 197 9.60 7.70 1.86
C SER A 197 10.97 6.95 1.83
N ASN A 198 11.04 5.80 1.10
CA ASN A 198 12.25 4.95 1.06
C ASN A 198 12.74 4.68 -0.40
N VAL A 199 12.63 5.69 -1.25
CA VAL A 199 13.03 5.64 -2.66
C VAL A 199 13.85 6.92 -2.99
N TYR A 200 15.00 6.72 -3.64
CA TYR A 200 15.95 7.81 -3.96
C TYR A 200 15.73 8.43 -5.31
N GLU A 201 15.31 7.64 -6.28
CA GLU A 201 15.21 8.09 -7.65
C GLU A 201 14.28 7.21 -8.42
N LEU A 202 13.78 7.73 -9.54
CA LEU A 202 12.91 7.01 -10.46
C LEU A 202 13.28 7.34 -11.88
N ASP A 203 12.91 6.43 -12.81
CA ASP A 203 12.82 6.62 -14.27
C ASP A 203 11.30 6.58 -14.51
N VAL A 204 10.76 7.64 -15.07
CA VAL A 204 9.32 7.76 -15.33
C VAL A 204 9.07 7.99 -16.82
N VAL A 205 8.12 7.24 -17.40
CA VAL A 205 7.66 7.46 -18.77
C VAL A 205 6.41 8.33 -18.59
N THR A 206 6.50 9.63 -18.88
CA THR A 206 5.38 10.58 -18.76
C THR A 206 4.27 10.30 -19.76
N GLY A 207 3.13 10.99 -19.62
CA GLY A 207 1.97 10.94 -20.53
C GLY A 207 2.26 11.45 -21.94
N LYS A 208 3.42 12.13 -22.12
CA LYS A 208 3.92 12.60 -23.41
C LYS A 208 4.93 11.56 -24.01
N GLY A 209 5.09 10.41 -23.36
CA GLY A 209 5.98 9.32 -23.78
C GLY A 209 7.46 9.61 -23.66
N GLU A 210 7.82 10.62 -22.85
CA GLU A 210 9.21 11.00 -22.60
C GLU A 210 9.74 10.23 -21.33
N VAL A 211 10.98 9.69 -21.41
CA VAL A 211 11.65 8.99 -20.29
C VAL A 211 12.41 10.04 -19.49
N VAL A 212 12.09 10.19 -18.19
CA VAL A 212 12.70 11.19 -17.30
C VAL A 212 13.27 10.55 -16.01
N THR A 213 14.53 10.86 -15.68
CA THR A 213 15.19 10.48 -14.45
C THR A 213 14.89 11.58 -13.45
N CYS A 214 14.28 11.23 -12.32
CA CYS A 214 13.92 12.21 -11.30
C CYS A 214 14.23 11.70 -9.90
N SER A 215 14.41 12.64 -8.96
CA SER A 215 14.78 12.43 -7.57
C SER A 215 14.52 13.75 -6.83
N GLU A 216 14.93 13.89 -5.57
CA GLU A 216 14.79 15.16 -4.83
C GLU A 216 15.62 16.32 -5.46
N THR A 217 16.73 16.00 -6.14
CA THR A 217 17.63 17.00 -6.73
C THR A 217 17.34 17.25 -8.22
N GLU A 218 16.89 16.25 -9.01
CA GLU A 218 16.60 16.55 -10.42
C GLU A 218 15.17 16.20 -10.77
N ASN A 219 14.49 17.15 -11.46
CA ASN A 219 13.06 17.09 -11.82
C ASN A 219 12.24 16.71 -10.56
N PRO A 220 12.44 17.39 -9.38
CA PRO A 220 11.75 16.98 -8.14
C PRO A 220 10.23 17.03 -8.19
N ASP A 221 9.67 17.98 -8.98
CA ASP A 221 8.22 18.11 -9.14
C ASP A 221 7.62 16.82 -9.67
N LEU A 222 8.26 16.22 -10.70
CA LEU A 222 7.79 14.96 -11.27
C LEU A 222 7.99 13.82 -10.27
N PHE A 223 9.15 13.79 -9.58
CA PHE A 223 9.49 12.74 -8.60
C PHE A 223 8.46 12.71 -7.47
N PHE A 224 8.25 13.83 -6.76
CA PHE A 224 7.30 13.93 -5.67
C PHE A 224 5.86 13.80 -6.15
N GLY A 225 5.58 14.23 -7.39
CA GLY A 225 4.27 14.10 -8.00
C GLY A 225 3.89 12.66 -8.26
N VAL A 226 4.86 11.88 -8.78
CA VAL A 226 4.65 10.47 -9.10
C VAL A 226 4.42 9.64 -7.82
N LEU A 227 5.17 9.94 -6.75
CA LEU A 227 5.07 9.25 -5.47
C LEU A 227 3.73 9.53 -4.83
N GLY A 228 2.91 8.48 -4.74
CA GLY A 228 1.55 8.55 -4.24
C GLY A 228 0.59 9.19 -5.24
N GLY A 229 1.08 9.38 -6.48
CA GLY A 229 0.37 10.06 -7.57
C GLY A 229 -0.66 9.31 -8.36
N LEU A 230 -1.02 8.09 -7.93
CA LEU A 230 -2.09 7.28 -8.52
C LEU A 230 -1.92 7.04 -10.05
N GLY A 231 -0.65 6.93 -10.48
CA GLY A 231 -0.24 6.73 -11.86
C GLY A 231 -0.62 7.87 -12.79
N GLN A 232 -0.91 9.06 -12.25
CA GLN A 232 -1.43 10.16 -13.07
C GLN A 232 -0.44 10.90 -13.98
N PHE A 233 0.85 10.88 -13.65
CA PHE A 233 1.86 11.70 -14.33
C PHE A 233 2.92 10.91 -15.10
N GLY A 234 2.78 9.60 -15.10
CA GLY A 234 3.75 8.72 -15.72
C GLY A 234 3.79 7.31 -15.17
N ILE A 235 4.50 6.44 -15.92
CA ILE A 235 4.73 5.03 -15.61
C ILE A 235 6.15 4.85 -15.04
N ILE A 236 6.27 4.30 -13.81
CA ILE A 236 7.56 4.05 -13.18
C ILE A 236 8.20 2.85 -13.89
N THR A 237 9.36 3.08 -14.53
CA THR A 237 10.06 1.98 -15.23
C THR A 237 11.24 1.50 -14.39
N ARG A 238 11.77 2.38 -13.52
CA ARG A 238 12.83 2.08 -12.57
C ARG A 238 12.58 2.85 -11.28
N ALA A 239 12.84 2.18 -10.16
CA ALA A 239 12.81 2.79 -8.84
C ALA A 239 14.07 2.36 -8.13
N ARG A 240 14.73 3.31 -7.44
CA ARG A 240 15.96 3.07 -6.70
C ARG A 240 15.59 2.98 -5.20
N ILE A 241 15.41 1.76 -4.73
CA ILE A 241 14.92 1.40 -3.38
C ILE A 241 16.05 1.45 -2.37
N ALA A 242 15.80 2.13 -1.23
CA ALA A 242 16.71 2.21 -0.10
C ALA A 242 16.76 0.82 0.57
N LEU A 243 17.96 0.41 1.00
CA LEU A 243 18.14 -0.91 1.61
C LEU A 243 18.94 -0.76 2.89
N GLU A 244 18.77 -1.71 3.78
CA GLU A 244 19.49 -1.83 5.04
C GLU A 244 19.97 -3.29 5.14
N ARG A 245 20.89 -3.58 6.06
CA ARG A 245 21.34 -4.95 6.28
C ARG A 245 20.15 -5.65 6.91
N ALA A 246 19.71 -6.72 6.29
CA ALA A 246 18.54 -7.44 6.75
C ALA A 246 18.71 -8.15 8.09
N PRO A 247 17.67 -8.14 8.97
CA PRO A 247 17.76 -8.99 10.17
C PRO A 247 17.63 -10.44 9.71
N LYS A 248 18.02 -11.40 10.53
CA LYS A 248 17.90 -12.81 10.10
C LYS A 248 16.61 -13.41 10.62
N ARG A 249 16.24 -13.03 11.85
CA ARG A 249 15.04 -13.58 12.46
C ARG A 249 14.12 -12.53 13.07
N VAL A 250 12.90 -12.96 13.37
CA VAL A 250 11.87 -12.11 13.95
C VAL A 250 11.24 -12.74 15.20
N ARG A 251 11.16 -11.96 16.28
CA ARG A 251 10.38 -12.33 17.46
C ARG A 251 9.00 -11.62 17.26
N TRP A 252 7.99 -12.39 16.81
CA TRP A 252 6.62 -12.00 16.45
C TRP A 252 5.67 -12.20 17.63
N ILE A 253 5.18 -11.07 18.20
CA ILE A 253 4.30 -11.05 19.37
C ILE A 253 2.86 -10.53 19.09
N ARG A 254 1.89 -11.12 19.80
CA ARG A 254 0.48 -10.76 19.82
C ARG A 254 0.02 -10.75 21.27
N ALA A 255 -0.64 -9.65 21.67
CA ALA A 255 -1.19 -9.47 23.02
C ALA A 255 -2.62 -8.88 22.89
N LEU A 256 -3.59 -9.43 23.66
CA LEU A 256 -4.99 -9.02 23.64
C LEU A 256 -5.37 -7.90 24.64
N TYR A 257 -6.39 -7.12 24.28
CA TYR A 257 -6.94 -5.99 25.07
C TYR A 257 -8.42 -6.05 24.95
N SER A 258 -9.12 -5.66 26.02
CA SER A 258 -10.58 -5.56 25.97
C SER A 258 -10.98 -4.07 26.05
N ASN A 259 -10.05 -3.20 26.45
CA ASN A 259 -10.25 -1.76 26.56
C ASN A 259 -9.54 -1.03 25.38
N PHE A 260 -10.34 -0.38 24.50
CA PHE A 260 -9.86 0.35 23.34
C PHE A 260 -9.00 1.57 23.71
N SER A 261 -9.32 2.21 24.86
CA SER A 261 -8.55 3.36 25.35
C SER A 261 -7.14 2.93 25.73
N GLU A 262 -7.00 1.71 26.29
CA GLU A 262 -5.68 1.20 26.69
C GLU A 262 -4.92 0.71 25.48
N PHE A 263 -5.60 -0.01 24.56
CA PHE A 263 -5.05 -0.52 23.31
C PHE A 263 -4.45 0.63 22.44
N THR A 264 -5.26 1.69 22.17
CA THR A 264 -4.84 2.86 21.38
C THR A 264 -3.73 3.63 22.09
N ALA A 265 -3.86 3.79 23.43
CA ALA A 265 -2.84 4.49 24.22
C ALA A 265 -1.49 3.77 24.13
N ASP A 266 -1.50 2.42 24.11
CA ASP A 266 -0.29 1.60 23.99
C ASP A 266 0.33 1.67 22.59
N GLN A 267 -0.53 1.58 21.53
CA GLN A 267 -0.12 1.71 20.13
C GLN A 267 0.54 3.06 19.93
N GLU A 268 -0.07 4.13 20.46
CA GLU A 268 0.47 5.49 20.35
C GLU A 268 1.79 5.69 21.11
N ARG A 269 1.97 4.97 22.23
CA ARG A 269 3.23 5.03 22.98
C ARG A 269 4.35 4.28 22.21
N LEU A 270 4.02 3.11 21.64
CA LEU A 270 4.95 2.29 20.88
C LEU A 270 5.48 2.97 19.64
N ILE A 271 4.63 3.75 18.95
CA ILE A 271 5.06 4.46 17.73
C ILE A 271 5.84 5.75 18.05
N SER A 272 5.90 6.13 19.33
CA SER A 272 6.66 7.31 19.75
C SER A 272 8.11 6.96 20.20
N LEU A 273 8.45 5.65 20.29
CA LEU A 273 9.76 5.15 20.76
C LEU A 273 10.84 5.23 19.69
N GLY A 274 12.05 5.66 20.10
CA GLY A 274 13.20 5.76 19.19
C GLY A 274 14.12 6.97 19.35
N SER A 275 13.89 7.84 20.36
CA SER A 275 14.72 9.03 20.61
C SER A 275 16.10 8.65 21.17
N GLY A 276 17.14 9.01 20.43
CA GLY A 276 18.53 8.69 20.75
C GLY A 276 18.83 7.22 20.51
N GLY A 277 18.08 6.62 19.57
CA GLY A 277 18.17 5.21 19.16
C GLY A 277 17.86 4.24 20.28
N GLY A 278 16.86 4.56 21.09
CA GLY A 278 16.42 3.76 22.24
C GLY A 278 15.76 2.44 21.91
N ARG A 279 15.24 1.75 22.93
CA ARG A 279 14.57 0.46 22.75
C ARG A 279 13.20 0.69 22.09
N ARG A 280 12.85 -0.16 21.09
CA ARG A 280 11.60 -0.07 20.34
C ARG A 280 11.33 -1.35 19.58
N PHE A 281 10.08 -1.52 19.12
CA PHE A 281 9.71 -2.63 18.26
C PHE A 281 9.97 -2.15 16.84
N ASP A 282 10.16 -3.09 15.92
CA ASP A 282 10.44 -2.78 14.51
C ASP A 282 9.16 -2.78 13.67
N TYR A 283 8.05 -3.21 14.27
CA TYR A 283 6.77 -3.35 13.62
C TYR A 283 5.67 -3.19 14.64
N VAL A 284 4.65 -2.37 14.29
CA VAL A 284 3.46 -2.09 15.13
C VAL A 284 2.22 -2.11 14.26
N GLU A 285 1.42 -3.15 14.43
CA GLU A 285 0.11 -3.27 13.83
C GLU A 285 -0.89 -3.62 14.95
N GLY A 286 -2.11 -3.89 14.53
CA GLY A 286 -3.22 -4.22 15.41
C GLY A 286 -4.42 -4.64 14.59
N PHE A 287 -5.31 -5.39 15.22
CA PHE A 287 -6.55 -5.82 14.60
C PHE A 287 -7.68 -5.96 15.64
N VAL A 288 -8.93 -5.85 15.15
CA VAL A 288 -10.17 -5.93 15.92
C VAL A 288 -10.69 -7.35 15.78
N VAL A 289 -10.95 -8.01 16.92
CA VAL A 289 -11.42 -9.39 17.01
C VAL A 289 -12.78 -9.48 17.72
N ALA A 290 -13.65 -10.38 17.24
CA ALA A 290 -14.96 -10.66 17.86
C ALA A 290 -14.74 -11.54 19.11
N ALA A 291 -15.56 -11.30 20.17
CA ALA A 291 -15.55 -11.96 21.49
C ALA A 291 -15.30 -13.49 21.48
N GLU A 292 -15.98 -14.23 20.58
CA GLU A 292 -15.91 -15.68 20.43
C GLU A 292 -14.53 -16.19 19.99
N HIS A 317 -15.91 -7.78 30.40
CA HIS A 317 -15.20 -6.53 30.17
C HIS A 317 -15.62 -5.84 28.87
N SER A 318 -15.63 -6.57 27.72
CA SER A 318 -16.11 -6.10 26.40
C SER A 318 -16.38 -7.26 25.40
N SER A 319 -17.30 -7.02 24.43
CA SER A 319 -17.69 -7.97 23.38
C SER A 319 -16.72 -7.89 22.16
N VAL A 320 -15.83 -6.89 22.20
CA VAL A 320 -14.84 -6.65 21.15
C VAL A 320 -13.47 -6.72 21.74
N LEU A 321 -12.61 -7.56 21.16
CA LEU A 321 -11.23 -7.64 21.62
C LEU A 321 -10.30 -6.98 20.59
N TYR A 322 -9.23 -6.38 21.07
CA TYR A 322 -8.23 -5.71 20.24
C TYR A 322 -6.88 -6.39 20.40
N CYS A 323 -6.36 -6.88 19.28
CA CYS A 323 -5.07 -7.54 19.28
C CYS A 323 -3.96 -6.62 18.84
N LEU A 324 -2.97 -6.40 19.73
CA LEU A 324 -1.75 -5.66 19.47
C LEU A 324 -0.73 -6.65 18.83
N GLU A 325 -0.13 -6.26 17.71
CA GLU A 325 0.84 -7.10 17.01
C GLU A 325 2.12 -6.33 16.82
N VAL A 326 3.20 -6.85 17.43
CA VAL A 326 4.53 -6.23 17.38
C VAL A 326 5.61 -7.25 17.00
N THR A 327 6.75 -6.75 16.52
CA THR A 327 7.87 -7.63 16.23
C THR A 327 9.15 -7.02 16.71
N LYS A 328 10.12 -7.89 16.96
CA LYS A 328 11.46 -7.47 17.29
C LYS A 328 12.40 -8.26 16.38
N ASN A 329 13.00 -7.52 15.44
CA ASN A 329 13.97 -8.02 14.47
C ASN A 329 15.32 -8.26 15.15
N TYR A 330 15.98 -9.39 14.83
CA TYR A 330 17.30 -9.67 15.39
C TYR A 330 18.19 -10.47 14.44
N ASP A 331 19.52 -10.40 14.64
CA ASP A 331 20.51 -11.18 13.85
C ASP A 331 21.41 -12.03 14.78
N ASP A 332 22.60 -12.46 14.31
CA ASP A 332 23.54 -13.26 15.12
C ASP A 332 24.08 -12.45 16.31
N GLU A 333 24.42 -11.16 16.07
CA GLU A 333 24.96 -10.21 17.05
C GLU A 333 23.98 -9.82 18.15
N THR A 334 22.69 -9.64 17.80
CA THR A 334 21.66 -9.20 18.75
C THR A 334 20.82 -10.35 19.32
N ALA A 335 21.07 -11.61 18.86
CA ALA A 335 20.36 -12.82 19.31
C ALA A 335 20.32 -13.01 20.83
N GLY A 336 21.39 -12.58 21.50
CA GLY A 336 21.51 -12.68 22.95
C GLY A 336 20.62 -11.73 23.72
N SER A 337 20.54 -10.45 23.27
CA SER A 337 19.76 -9.38 23.91
C SER A 337 18.26 -9.32 23.54
N VAL A 338 17.81 -10.07 22.50
CA VAL A 338 16.43 -10.05 22.00
C VAL A 338 15.40 -10.42 23.10
N ASP A 339 15.67 -11.48 23.90
CA ASP A 339 14.75 -11.90 24.97
C ASP A 339 14.54 -10.83 26.04
N GLN A 340 15.63 -10.17 26.48
CA GLN A 340 15.55 -9.09 27.46
C GLN A 340 14.83 -7.87 26.89
N ASP A 341 15.20 -7.45 25.65
CA ASP A 341 14.59 -6.31 24.93
C ASP A 341 13.08 -6.47 24.81
N VAL A 342 12.60 -7.67 24.43
CA VAL A 342 11.19 -8.00 24.29
C VAL A 342 10.48 -7.86 25.65
N ASP A 343 11.01 -8.49 26.71
CA ASP A 343 10.44 -8.46 28.06
C ASP A 343 10.42 -7.04 28.67
N THR A 344 11.46 -6.21 28.40
CA THR A 344 11.54 -4.83 28.87
C THR A 344 10.47 -3.93 28.21
N LEU A 345 10.26 -4.09 26.88
CA LEU A 345 9.28 -3.30 26.13
C LEU A 345 7.85 -3.70 26.50
N LEU A 346 7.61 -5.03 26.60
CA LEU A 346 6.32 -5.60 26.96
C LEU A 346 5.89 -5.26 28.40
N GLY A 347 6.86 -5.18 29.32
CA GLY A 347 6.61 -4.86 30.72
C GLY A 347 5.99 -3.49 30.93
N GLU A 348 6.34 -2.53 30.04
CA GLU A 348 5.84 -1.16 30.03
C GLU A 348 4.40 -1.08 29.48
N LEU A 349 3.88 -2.17 28.84
CA LEU A 349 2.54 -2.23 28.24
C LEU A 349 1.43 -2.66 29.19
N ASN A 350 0.15 -2.46 28.79
CA ASN A 350 -1.02 -2.73 29.62
C ASN A 350 -2.01 -3.70 28.98
N PHE A 351 -1.48 -4.73 28.28
CA PHE A 351 -2.26 -5.78 27.65
C PHE A 351 -2.87 -6.70 28.71
N LEU A 352 -3.83 -7.54 28.32
CA LEU A 352 -4.45 -8.48 29.26
C LEU A 352 -3.43 -9.54 29.67
N PRO A 353 -3.24 -9.77 31.00
CA PRO A 353 -2.25 -10.77 31.45
C PRO A 353 -2.58 -12.18 30.98
N GLY A 354 -1.55 -12.88 30.50
CA GLY A 354 -1.66 -14.24 29.99
C GLY A 354 -2.34 -14.35 28.64
N THR A 355 -2.21 -13.29 27.80
CA THR A 355 -2.75 -13.25 26.43
C THR A 355 -1.62 -13.04 25.38
N VAL A 356 -0.35 -13.12 25.82
CA VAL A 356 0.82 -12.97 24.98
C VAL A 356 1.07 -14.28 24.20
N PHE A 357 1.10 -14.19 22.85
CA PHE A 357 1.40 -15.29 21.94
C PHE A 357 2.66 -14.88 21.19
N THR A 358 3.68 -15.77 21.20
CA THR A 358 4.99 -15.50 20.61
C THR A 358 5.38 -16.57 19.58
N THR A 359 6.03 -16.12 18.51
CA THR A 359 6.58 -16.93 17.42
C THR A 359 7.96 -16.39 17.11
N ASP A 360 8.85 -17.29 16.70
CA ASP A 360 10.22 -17.01 16.31
C ASP A 360 10.38 -17.68 14.95
N LEU A 361 10.74 -16.90 13.93
CA LEU A 361 10.80 -17.44 12.57
C LEU A 361 11.74 -16.58 11.74
N PRO A 362 12.23 -17.08 10.58
CA PRO A 362 13.11 -16.24 9.74
C PRO A 362 12.37 -15.01 9.18
N TYR A 363 13.12 -13.93 8.94
CA TYR A 363 12.66 -12.66 8.38
C TYR A 363 11.80 -12.84 7.11
N VAL A 364 12.25 -13.67 6.16
CA VAL A 364 11.48 -13.91 4.93
C VAL A 364 10.14 -14.53 5.20
N ASP A 365 10.08 -15.45 6.16
CA ASP A 365 8.89 -16.19 6.54
C ASP A 365 7.90 -15.23 7.17
N PHE A 366 8.36 -14.30 8.04
CA PHE A 366 7.51 -13.28 8.62
C PHE A 366 6.90 -12.40 7.51
N LEU A 367 7.74 -11.81 6.63
CA LEU A 367 7.30 -10.93 5.54
C LEU A 367 6.37 -11.60 4.56
N ASP A 368 6.43 -12.92 4.48
CA ASP A 368 5.60 -13.67 3.54
C ASP A 368 4.34 -14.29 4.18
N ARG A 369 4.05 -13.99 5.46
CA ARG A 369 2.92 -14.52 6.21
C ARG A 369 1.53 -14.42 5.51
N VAL A 370 1.29 -13.35 4.72
CA VAL A 370 -0.01 -13.12 4.09
C VAL A 370 -0.16 -13.99 2.82
N HIS A 371 0.98 -14.32 2.16
CA HIS A 371 0.97 -15.22 1.02
C HIS A 371 0.55 -16.65 1.48
N LYS A 372 0.89 -17.02 2.71
CA LYS A 372 0.54 -18.31 3.33
C LYS A 372 -0.97 -18.36 3.61
N ALA A 373 -1.55 -17.22 4.07
CA ALA A 373 -2.99 -17.06 4.29
C ALA A 373 -3.67 -17.17 2.91
N GLU A 374 -3.04 -16.58 1.86
CA GLU A 374 -3.53 -16.67 0.47
C GLU A 374 -3.64 -18.13 -0.01
N LEU A 375 -2.62 -18.95 0.25
CA LEU A 375 -2.62 -20.36 -0.17
C LEU A 375 -3.76 -21.14 0.44
N LYS A 376 -4.03 -20.93 1.76
CA LYS A 376 -5.15 -21.57 2.46
C LYS A 376 -6.50 -21.18 1.80
N LEU A 377 -6.67 -19.90 1.39
CA LEU A 377 -7.87 -19.39 0.75
C LEU A 377 -8.10 -19.97 -0.65
N ARG A 378 -7.02 -20.07 -1.47
CA ARG A 378 -7.10 -20.66 -2.82
C ARG A 378 -7.55 -22.15 -2.73
N ALA A 379 -7.06 -22.86 -1.68
CA ALA A 379 -7.37 -24.26 -1.42
C ALA A 379 -8.86 -24.48 -1.09
N LYS A 380 -9.53 -23.44 -0.55
CA LYS A 380 -10.95 -23.46 -0.18
C LYS A 380 -11.90 -22.78 -1.20
N GLY A 381 -11.35 -22.29 -2.32
CA GLY A 381 -12.10 -21.57 -3.35
C GLY A 381 -12.58 -20.21 -2.86
N MET A 382 -11.83 -19.64 -1.91
CA MET A 382 -12.13 -18.40 -1.22
C MET A 382 -11.20 -17.22 -1.58
N TRP A 383 -10.43 -17.35 -2.67
CA TRP A 383 -9.49 -16.32 -3.10
C TRP A 383 -10.06 -15.54 -4.28
N GLU A 384 -10.70 -16.21 -5.23
CA GLU A 384 -11.31 -15.56 -6.41
C GLU A 384 -12.77 -15.17 -6.05
N VAL A 385 -12.92 -14.33 -5.02
CA VAL A 385 -14.20 -13.82 -4.52
C VAL A 385 -14.13 -12.29 -4.57
N PRO A 386 -15.26 -11.53 -4.66
CA PRO A 386 -15.16 -10.06 -4.64
C PRO A 386 -14.52 -9.60 -3.33
N HIS A 387 -13.69 -8.57 -3.40
CA HIS A 387 -12.96 -8.02 -2.26
C HIS A 387 -13.26 -6.51 -2.12
N PRO A 388 -14.44 -6.12 -1.54
CA PRO A 388 -14.75 -4.68 -1.41
C PRO A 388 -14.02 -4.09 -0.20
N TRP A 389 -12.71 -4.04 -0.31
CA TRP A 389 -11.82 -3.57 0.74
C TRP A 389 -11.78 -2.06 0.81
N LEU A 390 -11.88 -1.55 2.04
CA LEU A 390 -11.91 -0.11 2.33
C LEU A 390 -10.78 0.25 3.26
N ASN A 391 -9.97 1.23 2.88
CA ASN A 391 -8.82 1.64 3.67
C ASN A 391 -8.94 3.10 4.04
N LEU A 392 -8.91 3.39 5.35
CA LEU A 392 -9.04 4.77 5.80
C LEU A 392 -7.96 5.23 6.69
N PHE A 393 -7.55 6.46 6.51
CA PHE A 393 -6.66 7.13 7.45
C PHE A 393 -7.58 8.01 8.33
N VAL A 394 -7.50 7.82 9.64
CA VAL A 394 -8.37 8.47 10.63
C VAL A 394 -7.53 9.31 11.61
N PRO A 395 -7.79 10.64 11.74
CA PRO A 395 -7.01 11.43 12.72
C PRO A 395 -7.11 10.79 14.12
N ALA A 396 -5.98 10.71 14.88
CA ALA A 396 -5.95 10.11 16.23
C ALA A 396 -6.90 10.79 17.22
N SER A 397 -7.18 12.10 17.04
CA SER A 397 -8.11 12.86 17.91
C SER A 397 -9.56 12.31 17.81
N ARG A 398 -9.87 11.58 16.70
CA ARG A 398 -11.21 11.05 16.43
C ARG A 398 -11.30 9.53 16.45
N ILE A 399 -10.24 8.83 16.86
CA ILE A 399 -10.21 7.36 16.81
C ILE A 399 -11.15 6.70 17.84
N ALA A 400 -11.30 7.28 19.06
CA ALA A 400 -12.17 6.69 20.10
C ALA A 400 -13.62 6.54 19.65
N ASP A 401 -14.11 7.54 18.93
CA ASP A 401 -15.48 7.63 18.40
C ASP A 401 -15.69 6.63 17.29
N PHE A 402 -14.58 6.24 16.63
CA PHE A 402 -14.54 5.26 15.55
C PHE A 402 -14.85 3.88 16.09
N ASP A 403 -14.40 3.60 17.30
CA ASP A 403 -14.66 2.32 17.94
C ASP A 403 -16.14 2.10 18.26
N ARG A 404 -16.73 3.15 18.86
CA ARG A 404 -18.12 3.22 19.28
C ARG A 404 -19.02 3.08 18.05
N GLY A 405 -18.80 3.97 17.09
CA GLY A 405 -19.60 4.10 15.87
C GLY A 405 -19.39 3.07 14.77
N VAL A 406 -18.17 2.52 14.62
CA VAL A 406 -17.89 1.58 13.53
C VAL A 406 -17.74 0.15 14.02
N PHE A 407 -16.74 -0.10 14.88
CA PHE A 407 -16.42 -1.44 15.37
C PHE A 407 -17.57 -2.04 16.17
N ARG A 408 -18.20 -1.22 17.01
CA ARG A 408 -19.33 -1.63 17.85
C ARG A 408 -20.67 -1.29 17.18
N GLY A 409 -20.70 -0.22 16.39
CA GLY A 409 -21.89 0.28 15.71
C GLY A 409 -22.21 -0.40 14.41
N VAL A 410 -21.64 0.13 13.30
CA VAL A 410 -21.84 -0.36 11.92
C VAL A 410 -21.52 -1.86 11.78
N LEU A 411 -20.42 -2.34 12.40
CA LEU A 411 -19.99 -3.75 12.31
C LEU A 411 -20.42 -4.60 13.51
N GLY A 412 -21.18 -4.01 14.43
CA GLY A 412 -21.71 -4.71 15.60
C GLY A 412 -22.73 -5.77 15.24
N GLY A 413 -22.73 -6.85 16.02
CA GLY A 413 -23.63 -7.98 15.81
C GLY A 413 -23.10 -9.04 14.87
N ARG A 414 -24.02 -9.87 14.34
CA ARG A 414 -23.72 -10.97 13.43
C ARG A 414 -23.66 -10.48 11.97
N THR A 415 -22.54 -9.82 11.60
CA THR A 415 -22.33 -9.28 10.24
C THR A 415 -21.55 -10.32 9.39
N ALA A 416 -22.07 -10.63 8.17
CA ALA A 416 -21.51 -11.63 7.24
C ALA A 416 -20.72 -11.04 6.05
N GLY A 419 -16.48 -11.65 6.97
CA GLY A 419 -15.36 -12.53 6.65
C GLY A 419 -14.08 -11.83 6.23
N GLY A 420 -13.19 -11.63 7.18
CA GLY A 420 -11.90 -11.00 6.93
C GLY A 420 -11.40 -10.10 8.05
N PRO A 421 -10.11 -9.75 8.02
CA PRO A 421 -9.59 -8.88 9.08
C PRO A 421 -9.95 -7.40 8.98
N VAL A 422 -9.89 -6.72 10.13
CA VAL A 422 -10.08 -5.31 10.28
C VAL A 422 -8.84 -4.88 11.05
N LEU A 423 -7.88 -4.29 10.35
CA LEU A 423 -6.60 -3.90 10.95
C LEU A 423 -6.65 -2.45 11.39
N ILE A 424 -5.90 -2.13 12.43
CA ILE A 424 -5.89 -0.77 12.98
C ILE A 424 -4.57 -0.50 13.68
N TYR A 425 -3.88 0.60 13.30
CA TYR A 425 -2.63 1.02 13.94
C TYR A 425 -2.27 2.45 13.59
N PRO A 426 -1.60 3.16 14.51
CA PRO A 426 -1.21 4.54 14.22
C PRO A 426 0.13 4.66 13.47
N MET A 427 0.41 5.86 12.93
CA MET A 427 1.63 6.23 12.21
C MET A 427 1.95 7.67 12.51
N ASN A 428 3.15 8.11 12.15
CA ASN A 428 3.63 9.46 12.38
C ASN A 428 3.69 10.19 11.05
N LYS A 429 2.89 11.26 10.90
CA LYS A 429 2.84 12.07 9.70
C LYS A 429 4.21 12.63 9.27
N HIS A 430 5.12 12.93 10.25
CA HIS A 430 6.44 13.52 9.95
C HIS A 430 7.34 12.58 9.13
N LYS A 431 6.98 11.28 9.03
CA LYS A 431 7.69 10.28 8.22
C LYS A 431 7.19 10.26 6.77
N TRP A 432 6.18 11.08 6.49
CA TRP A 432 5.54 11.23 5.17
C TRP A 432 5.97 12.59 4.63
N ASP A 433 6.64 12.62 3.48
CA ASP A 433 7.10 13.88 2.89
C ASP A 433 5.89 14.66 2.37
N PRO A 434 5.66 15.91 2.86
CA PRO A 434 4.49 16.68 2.37
C PRO A 434 4.55 17.10 0.91
N ARG A 435 5.72 16.96 0.26
CA ARG A 435 5.88 17.30 -1.16
C ARG A 435 5.28 16.26 -2.08
N SER A 436 5.08 15.03 -1.57
CA SER A 436 4.49 13.95 -2.39
C SER A 436 3.00 14.15 -2.67
N SER A 437 2.44 13.37 -3.61
CA SER A 437 1.00 13.40 -3.93
C SER A 437 0.12 12.69 -2.89
N ALA A 438 0.71 11.94 -1.93
CA ALA A 438 -0.07 11.19 -0.92
C ALA A 438 -0.86 12.11 0.00
N VAL A 439 -2.10 11.72 0.28
CA VAL A 439 -3.06 12.47 1.08
C VAL A 439 -3.25 11.78 2.42
N THR A 440 -2.80 12.47 3.47
CA THR A 440 -2.91 12.00 4.84
C THR A 440 -3.78 12.99 5.63
N PRO A 441 -4.38 12.60 6.78
CA PRO A 441 -5.12 13.61 7.58
C PRO A 441 -4.17 14.72 8.06
N ASP A 442 -4.72 15.90 8.37
CA ASP A 442 -3.95 17.05 8.86
C ASP A 442 -3.77 16.93 10.39
N GLU A 443 -3.15 15.85 10.85
CA GLU A 443 -2.85 15.58 12.25
C GLU A 443 -1.56 14.79 12.30
N GLU A 444 -0.70 15.10 13.28
CA GLU A 444 0.61 14.47 13.45
C GLU A 444 0.57 12.94 13.59
N VAL A 445 -0.40 12.44 14.34
CA VAL A 445 -0.61 11.01 14.53
C VAL A 445 -1.97 10.68 13.91
N PHE A 446 -1.99 9.65 13.04
CA PHE A 446 -3.22 9.18 12.42
C PHE A 446 -3.17 7.68 12.33
N TYR A 447 -4.32 7.06 12.29
CA TYR A 447 -4.42 5.63 12.18
C TYR A 447 -4.78 5.23 10.79
N LEU A 448 -4.35 4.03 10.41
CA LEU A 448 -4.86 3.35 9.25
C LEU A 448 -5.89 2.39 9.84
N VAL A 449 -7.05 2.35 9.24
CA VAL A 449 -8.11 1.41 9.56
C VAL A 449 -8.39 0.71 8.22
N ALA A 450 -8.07 -0.58 8.16
CA ALA A 450 -8.21 -1.40 6.95
C ALA A 450 -9.32 -2.45 7.13
N PHE A 451 -10.42 -2.27 6.39
CA PHE A 451 -11.59 -3.17 6.45
C PHE A 451 -11.38 -4.14 5.28
N LEU A 452 -10.81 -5.31 5.60
CA LEU A 452 -10.43 -6.30 4.58
C LEU A 452 -11.38 -7.48 4.54
N ARG A 453 -12.64 -7.14 4.33
CA ARG A 453 -13.72 -8.09 4.35
C ARG A 453 -14.10 -8.53 2.96
N SER A 454 -14.10 -9.84 2.77
CA SER A 454 -14.39 -10.42 1.45
C SER A 454 -15.81 -10.93 1.34
N ALA A 455 -16.36 -10.88 0.11
CA ALA A 455 -17.70 -11.39 -0.17
C ALA A 455 -17.64 -12.94 -0.25
N LEU A 456 -18.79 -13.60 -0.04
CA LEU A 456 -18.92 -15.06 -0.10
C LEU A 456 -18.81 -15.53 -1.56
N PRO A 457 -18.24 -16.74 -1.83
CA PRO A 457 -18.12 -17.18 -3.24
C PRO A 457 -19.46 -17.40 -3.95
N GLY A 458 -19.55 -16.85 -5.16
CA GLY A 458 -20.70 -16.94 -6.07
C GLY A 458 -22.02 -16.43 -5.51
N ALA A 459 -21.94 -15.53 -4.48
CA ALA A 459 -23.07 -14.91 -3.75
C ALA A 459 -23.05 -13.39 -3.94
N PRO A 460 -23.58 -12.85 -5.07
CA PRO A 460 -23.59 -11.39 -5.28
C PRO A 460 -24.15 -10.52 -4.14
N GLU A 461 -25.20 -10.97 -3.44
CA GLU A 461 -25.85 -10.25 -2.33
C GLU A 461 -24.89 -9.97 -1.17
N SER A 462 -23.85 -10.83 -1.01
CA SER A 462 -22.83 -10.74 0.03
C SER A 462 -21.98 -9.46 -0.21
N LEU A 463 -21.64 -9.22 -1.49
CA LEU A 463 -20.90 -8.06 -1.96
C LEU A 463 -21.74 -6.81 -1.74
N GLU A 464 -23.05 -6.87 -2.10
CA GLU A 464 -24.00 -5.80 -1.91
C GLU A 464 -24.10 -5.38 -0.45
N ALA A 465 -24.17 -6.35 0.49
CA ALA A 465 -24.26 -6.06 1.93
C ALA A 465 -22.97 -5.42 2.49
N LEU A 466 -21.81 -5.90 2.02
CA LEU A 466 -20.51 -5.34 2.39
C LEU A 466 -20.40 -3.95 1.81
N ALA A 467 -20.85 -3.71 0.56
CA ALA A 467 -20.81 -2.34 0.00
C ALA A 467 -21.68 -1.32 0.81
N ARG A 468 -22.87 -1.74 1.28
CA ARG A 468 -23.74 -0.87 2.08
C ARG A 468 -23.08 -0.52 3.42
N GLN A 469 -22.41 -1.52 4.03
CA GLN A 469 -21.67 -1.34 5.27
C GLN A 469 -20.52 -0.33 5.10
N ASN A 470 -19.79 -0.42 3.98
CA ASN A 470 -18.67 0.49 3.65
C ASN A 470 -19.22 1.91 3.51
N GLN A 471 -20.36 2.07 2.80
CA GLN A 471 -21.01 3.37 2.65
C GLN A 471 -21.45 3.91 4.05
N ARG A 472 -21.93 3.06 4.97
CA ARG A 472 -22.31 3.45 6.33
C ARG A 472 -21.10 3.96 7.12
N ILE A 473 -19.92 3.31 6.94
CA ILE A 473 -18.67 3.74 7.56
C ILE A 473 -18.31 5.15 7.03
N LEU A 474 -18.36 5.34 5.69
CA LEU A 474 -18.08 6.62 5.07
C LEU A 474 -19.08 7.69 5.54
N ASP A 475 -20.39 7.37 5.55
CA ASP A 475 -21.45 8.28 6.02
C ASP A 475 -21.23 8.70 7.49
N PHE A 476 -20.79 7.77 8.35
CA PHE A 476 -20.47 8.01 9.76
C PHE A 476 -19.37 9.06 9.89
N CYS A 477 -18.29 8.92 9.11
CA CYS A 477 -17.16 9.85 9.13
C CYS A 477 -17.62 11.25 8.69
N ALA A 478 -18.39 11.32 7.59
CA ALA A 478 -18.89 12.61 7.07
C ALA A 478 -19.88 13.28 8.06
N GLY A 479 -20.79 12.48 8.60
CA GLY A 479 -21.84 12.90 9.52
C GLY A 479 -21.41 13.38 10.88
N THR A 480 -20.19 13.02 11.30
CA THR A 480 -19.63 13.39 12.60
C THR A 480 -18.41 14.30 12.43
N GLY A 481 -18.07 14.63 11.18
CA GLY A 481 -16.96 15.53 10.89
C GLY A 481 -15.58 14.95 11.15
N ILE A 482 -15.44 13.61 10.99
CA ILE A 482 -14.13 12.98 11.15
C ILE A 482 -13.40 13.28 9.85
N GLY A 483 -12.28 13.97 9.96
CA GLY A 483 -11.48 14.30 8.80
C GLY A 483 -10.66 13.12 8.26
N ALA A 484 -11.33 11.95 8.09
CA ALA A 484 -10.73 10.74 7.52
C ALA A 484 -10.39 10.98 6.03
N LYS A 485 -9.35 10.30 5.55
CA LYS A 485 -8.93 10.31 4.15
C LYS A 485 -8.86 8.86 3.68
N GLN A 486 -9.33 8.59 2.48
CA GLN A 486 -9.26 7.26 1.93
C GLN A 486 -7.87 6.99 1.36
N TYR A 487 -7.28 5.83 1.73
CA TYR A 487 -6.03 5.34 1.14
C TYR A 487 -6.55 4.44 -0.03
N LEU A 488 -5.87 4.49 -1.19
CA LEU A 488 -6.27 3.82 -2.47
C LEU A 488 -7.65 4.41 -2.77
N PRO A 489 -7.78 5.77 -2.85
CA PRO A 489 -9.12 6.39 -2.99
C PRO A 489 -9.93 5.87 -4.16
N GLY A 490 -11.18 5.56 -3.87
CA GLY A 490 -12.14 5.01 -4.83
C GLY A 490 -13.19 6.03 -5.25
N HIS A 491 -12.90 7.35 -5.06
CA HIS A 491 -13.79 8.44 -5.47
C HIS A 491 -13.97 8.42 -6.99
N LYS A 492 -15.07 8.96 -7.48
CA LYS A 492 -15.22 9.00 -8.93
C LYS A 492 -15.72 10.39 -9.44
N ALA A 493 -16.29 11.23 -8.54
CA ALA A 493 -16.79 12.57 -8.87
C ALA A 493 -15.78 13.65 -8.51
N ARG A 494 -15.65 14.67 -9.39
CA ARG A 494 -14.76 15.81 -9.26
C ARG A 494 -14.83 16.52 -7.91
N HIS A 495 -16.07 16.71 -7.37
CA HIS A 495 -16.22 17.38 -6.07
C HIS A 495 -15.67 16.50 -4.92
N GLU A 496 -15.77 15.15 -5.06
CA GLU A 496 -15.22 14.17 -4.12
C GLU A 496 -13.68 14.25 -4.13
N TRP A 497 -13.06 14.36 -5.34
CA TRP A 497 -11.60 14.47 -5.48
C TRP A 497 -11.09 15.77 -4.92
N ALA A 498 -11.82 16.87 -5.17
CA ALA A 498 -11.48 18.21 -4.68
C ALA A 498 -11.49 18.24 -3.15
N GLU A 499 -12.50 17.59 -2.54
CA GLU A 499 -12.63 17.44 -1.09
C GLU A 499 -11.50 16.56 -0.53
N HIS A 500 -11.20 15.43 -1.22
CA HIS A 500 -10.16 14.46 -0.85
C HIS A 500 -8.82 15.18 -0.73
N PHE A 501 -8.40 15.87 -1.80
CA PHE A 501 -7.15 16.61 -1.84
C PHE A 501 -7.16 17.92 -1.02
N GLY A 502 -8.26 18.67 -1.07
CA GLY A 502 -8.32 20.01 -0.48
C GLY A 502 -7.78 20.97 -1.53
N ALA A 503 -8.07 22.27 -1.41
CA ALA A 503 -7.72 23.25 -2.45
C ALA A 503 -6.24 23.31 -2.86
N ALA A 504 -5.31 23.48 -1.91
CA ALA A 504 -3.88 23.58 -2.23
C ALA A 504 -3.33 22.36 -2.97
N ARG A 505 -3.65 21.16 -2.47
CA ARG A 505 -3.18 19.89 -3.05
C ARG A 505 -3.84 19.60 -4.38
N TRP A 506 -5.14 19.95 -4.56
CA TRP A 506 -5.81 19.76 -5.84
C TRP A 506 -5.16 20.62 -6.93
N ASP A 507 -4.80 21.86 -6.57
CA ASP A 507 -4.15 22.77 -7.50
C ASP A 507 -2.80 22.21 -7.95
N ARG A 508 -1.96 21.72 -7.00
CA ARG A 508 -0.66 21.11 -7.32
C ARG A 508 -0.86 19.86 -8.19
N PHE A 509 -1.92 19.07 -7.92
CA PHE A 509 -2.26 17.85 -8.67
C PHE A 509 -2.61 18.10 -10.15
N ALA A 510 -3.60 19.00 -10.39
CA ALA A 510 -4.10 19.41 -11.71
C ALA A 510 -2.99 20.07 -12.56
N ARG A 511 -2.17 20.95 -11.93
CA ARG A 511 -1.03 21.59 -12.61
C ARG A 511 -0.02 20.54 -13.07
N LEU A 512 0.26 19.55 -12.20
CA LEU A 512 1.15 18.45 -12.55
C LEU A 512 0.56 17.65 -13.71
N LYS A 513 -0.78 17.44 -13.73
CA LYS A 513 -1.44 16.67 -14.80
C LYS A 513 -1.32 17.42 -16.14
N ALA A 514 -1.46 18.76 -16.12
CA ALA A 514 -1.38 19.67 -17.27
C ALA A 514 0.01 19.60 -17.95
N GLU A 515 1.06 19.41 -17.14
CA GLU A 515 2.46 19.32 -17.54
C GLU A 515 2.86 17.93 -17.99
N PHE A 516 2.42 16.86 -17.27
CA PHE A 516 2.95 15.54 -17.57
C PHE A 516 2.00 14.55 -18.24
N ASP A 517 0.67 14.81 -18.22
CA ASP A 517 -0.33 13.98 -18.89
C ASP A 517 -1.53 14.87 -19.33
N PRO A 518 -1.29 15.92 -20.19
CA PRO A 518 -2.39 16.84 -20.60
C PRO A 518 -3.56 16.19 -21.31
N ARG A 519 -3.34 15.03 -21.96
CA ARG A 519 -4.40 14.34 -22.69
C ARG A 519 -5.12 13.29 -21.81
N ALA A 520 -4.71 13.18 -20.52
CA ALA A 520 -5.26 12.26 -19.52
C ALA A 520 -5.26 10.82 -20.01
N ILE A 521 -4.16 10.41 -20.66
CA ILE A 521 -3.98 9.05 -21.19
C ILE A 521 -3.77 8.02 -20.07
N LEU A 522 -2.99 8.40 -19.04
CA LEU A 522 -2.53 7.50 -18.00
C LEU A 522 -3.42 7.33 -16.82
N ALA A 523 -3.56 6.04 -16.42
CA ALA A 523 -4.33 5.59 -15.25
C ALA A 523 -5.73 6.24 -15.18
N ALA A 524 -6.46 6.25 -16.32
CA ALA A 524 -7.80 6.82 -16.41
C ALA A 524 -8.85 6.06 -15.59
N GLY A 525 -8.55 4.82 -15.21
CA GLY A 525 -9.41 4.00 -14.37
C GLY A 525 -9.52 4.53 -12.95
N GLN A 526 -8.64 5.50 -12.58
CA GLN A 526 -8.66 6.16 -11.26
C GLN A 526 -9.86 7.12 -11.22
N GLY A 527 -10.32 7.55 -12.42
CA GLY A 527 -11.48 8.42 -12.64
C GLY A 527 -11.33 9.80 -12.06
N ILE A 528 -10.15 10.43 -12.22
CA ILE A 528 -9.87 11.77 -11.70
C ILE A 528 -10.02 12.81 -12.81
N PHE A 529 -9.35 12.58 -13.93
CA PHE A 529 -9.37 13.47 -15.09
C PHE A 529 -9.99 12.78 -16.28
N ARG A 530 -10.46 13.54 -17.25
CA ARG A 530 -11.01 13.00 -18.48
C ARG A 530 -10.38 13.70 -19.71
N PRO A 531 -10.12 12.98 -20.85
CA PRO A 531 -9.42 13.62 -22.00
C PRO A 531 -10.02 14.93 -22.52
N1 V1X B . -3.19 -9.62 8.61
C4 V1X B . -3.67 -9.71 6.25
C5 V1X B . -4.26 -10.97 6.36
C6 V1X B . -4.99 -11.52 5.31
C7 V1X B . -5.15 -10.79 4.15
C13 V1X B . -4.57 -9.55 4.00
C20 V1X B . -4.41 -4.40 2.26
C21 V1X B . -4.72 -3.22 1.58
C24 V1X B . -3.53 -1.95 3.20
C26 V1X B . -3.19 -3.11 3.92
C28 V1X B . -2.95 -3.16 6.42
C2 V1X B . -2.90 -9.16 7.41
O3 V1X B . -2.02 -8.32 7.20
O8 V1X B . -6.10 -11.15 3.19
C9 V1X B . -5.77 -11.93 2.17
F10 V1X B . -4.82 -11.43 1.39
F11 V1X B . -6.83 -12.15 1.40
F12 V1X B . -5.38 -13.09 2.64
C14 V1X B . -3.83 -8.98 5.04
N15 V1X B . -3.32 -7.66 4.93
C16 V1X B . -3.55 -6.81 3.88
O17 V1X B . -3.94 -7.18 2.78
N18 V1X B . -3.30 -5.49 4.19
C19 V1X B . -3.64 -4.34 3.42
CL22 V1X B . -5.65 -3.30 0.13
C23 V1X B . -4.29 -1.99 2.05
CL25 V1X B . -3.00 -0.41 3.82
C27 V1X B . -2.23 -3.04 5.09
O29 V1X B . -1.97 -3.15 7.45
PA FAD C . -2.11 -2.17 -9.80
O1A FAD C . -3.29 -2.54 -8.97
O2A FAD C . -2.01 -3.00 -11.07
O5B FAD C . -1.96 -0.60 -10.17
C5B FAD C . -2.45 0.40 -9.23
C4B FAD C . -2.46 1.76 -9.89
O4B FAD C . -1.09 2.14 -10.20
C3B FAD C . -3.22 1.87 -11.21
O3B FAD C . -3.72 3.19 -11.39
C2B FAD C . -2.14 1.51 -12.24
O2B FAD C . -2.37 1.96 -13.58
C1B FAD C . -0.91 2.17 -11.62
N9A FAD C . 0.38 1.55 -11.92
C8A FAD C . 0.72 0.22 -11.82
N7A FAD C . 1.99 -0.02 -12.01
C5A FAD C . 2.53 1.23 -12.28
C6A FAD C . 3.85 1.67 -12.56
N6A FAD C . 4.88 0.84 -12.73
N1A FAD C . 4.06 3.00 -12.69
C2A FAD C . 3.01 3.83 -12.58
N3A FAD C . 1.73 3.54 -12.34
C4A FAD C . 1.55 2.21 -12.21
N1 FAD C . -1.21 -1.97 0.08
C2 FAD C . -0.47 -1.55 1.14
O2 FAD C . -0.02 -0.41 1.21
N3 FAD C . -0.16 -2.44 2.14
C4 FAD C . -0.51 -3.77 2.16
O4 FAD C . -0.22 -4.45 3.13
C4X FAD C . -1.29 -4.21 1.04
N5 FAD C . -1.68 -5.46 1.02
C5X FAD C . -2.46 -5.87 -0.06
C6 FAD C . -2.87 -7.20 -0.12
C7 FAD C . -3.58 -7.69 -1.20
C7M FAD C . -4.04 -9.13 -1.19
C8 FAD C . -3.89 -6.83 -2.26
C8M FAD C . -4.57 -7.34 -3.51
C9 FAD C . -3.52 -5.49 -2.18
C9A FAD C . -2.81 -5.00 -1.09
N10 FAD C . -2.39 -3.64 -1.00
C10 FAD C . -1.62 -3.22 0.05
C1' FAD C . -2.78 -2.64 -2.01
C2' FAD C . -1.73 -2.33 -3.08
O2' FAD C . -0.71 -1.49 -2.55
C3' FAD C . -2.39 -1.64 -4.29
O3' FAD C . -3.31 -2.55 -4.86
C4' FAD C . -1.48 -1.07 -5.38
O4' FAD C . -2.28 -0.66 -6.48
C5' FAD C . -0.37 -2.02 -5.80
O5' FAD C . -0.93 -3.22 -6.40
P FAD C . -0.39 -3.58 -7.90
O1P FAD C . 1.08 -3.68 -7.95
O2P FAD C . -1.05 -4.85 -8.40
O3P FAD C . -0.81 -2.41 -8.90
#